data_9NCZ
#
_entry.id   9NCZ
#
_cell.length_a   38.496
_cell.length_b   66.031
_cell.length_c   51.857
_cell.angle_alpha   90.000
_cell.angle_beta   101.199
_cell.angle_gamma   90.000
#
_symmetry.space_group_name_H-M   'P 1 21 1'
#
loop_
_entity.id
_entity.type
_entity.pdbx_description
1 polymer 'Alpha-ketoglutarate-dependent dioxygenase alkB homolog 3'
2 non-polymer 'MANGANESE (II) ION'
3 non-polymer '2-OXOGLUTARIC ACID'
4 non-polymer 'CHLORIDE ION'
5 water water
#
_entity_poly.entity_id   1
_entity_poly.type   'polypeptide(L)'
_entity_poly.pdbx_seq_one_letter_code
;MGSSHHHHHHSSGLVPRGTTENLYFQGSRAPEPRVIDREGVYEISLSPTGVSRVCLYPGFVDVKEADWILEQLCQDVPWK
QRTGIREDITYQQPRLTAWYGELPYTYSRITMEPNPHWHPVLRTLKNRIEENTGHTFNSLLCNLYRNEKDSVDWHSDDEP
SLGRCPIIASLSFGATRTFEMRKKPPPEENGDYTYVERVKIPLDHGTLLIMEGATQADWQHRVPKEYHSREPRVNLTFRT
VYPDPRGAPW
;
_entity_poly.pdbx_strand_id   A
#
# COMPACT_ATOMS: atom_id res chain seq x y z
N ALA A 30 -21.22 -15.09 8.41
CA ALA A 30 -20.28 -14.07 7.94
C ALA A 30 -20.22 -14.06 6.42
N PRO A 31 -20.37 -12.88 5.81
CA PRO A 31 -20.39 -12.80 4.34
C PRO A 31 -19.06 -13.21 3.75
N GLU A 32 -19.09 -13.48 2.45
CA GLU A 32 -17.88 -14.00 1.83
C GLU A 32 -17.11 -12.87 1.17
N PRO A 33 -15.80 -12.77 1.38
CA PRO A 33 -15.06 -11.68 0.75
C PRO A 33 -15.18 -11.76 -0.77
N ARG A 34 -15.36 -10.60 -1.40
CA ARG A 34 -15.28 -10.51 -2.85
C ARG A 34 -13.82 -10.54 -3.28
N VAL A 35 -13.55 -11.09 -4.46
CA VAL A 35 -12.18 -11.21 -4.95
C VAL A 35 -12.03 -10.31 -6.17
N ILE A 36 -11.02 -9.43 -6.14
CA ILE A 36 -10.65 -8.63 -7.29
C ILE A 36 -9.28 -9.11 -7.78
N ASP A 37 -9.24 -9.67 -8.99
CA ASP A 37 -7.98 -10.19 -9.50
C ASP A 37 -7.85 -10.03 -11.02
N ARG A 38 -8.72 -9.25 -11.67
CA ARG A 38 -8.66 -9.01 -13.10
C ARG A 38 -8.32 -7.54 -13.35
N GLU A 39 -7.63 -7.26 -14.45
CA GLU A 39 -7.47 -5.86 -14.82
C GLU A 39 -8.84 -5.19 -14.89
N GLY A 40 -8.96 -4.02 -14.26
CA GLY A 40 -10.21 -3.30 -14.34
C GLY A 40 -10.29 -2.16 -13.34
N VAL A 41 -11.48 -1.58 -13.27
CA VAL A 41 -11.78 -0.42 -12.43
C VAL A 41 -13.05 -0.75 -11.64
N TYR A 42 -12.96 -0.66 -10.31
CA TYR A 42 -14.00 -1.19 -9.42
C TYR A 42 -14.43 -0.10 -8.46
N GLU A 43 -15.72 0.26 -8.50
CA GLU A 43 -16.33 1.06 -7.45
C GLU A 43 -16.76 0.09 -6.37
N ILE A 44 -15.97 0.00 -5.29
CA ILE A 44 -16.26 -0.99 -4.26
C ILE A 44 -17.31 -0.52 -3.27
N SER A 45 -17.58 0.78 -3.20
CA SER A 45 -18.71 1.29 -2.43
C SER A 45 -19.03 2.70 -2.88
N LEU A 46 -20.23 3.14 -2.51
CA LEU A 46 -20.75 4.45 -2.88
C LEU A 46 -21.05 5.34 -1.68
N SER A 47 -20.89 4.85 -0.46
CA SER A 47 -21.31 5.59 0.72
C SER A 47 -20.59 5.01 1.93
N PRO A 48 -20.49 5.77 3.03
CA PRO A 48 -21.09 7.08 3.29
C PRO A 48 -20.33 8.30 2.75
N THR A 49 -19.02 8.19 2.51
CA THR A 49 -18.24 9.39 2.18
C THR A 49 -18.31 9.73 0.70
N GLY A 50 -18.47 8.73 -0.16
CA GLY A 50 -18.48 8.94 -1.59
C GLY A 50 -18.16 7.64 -2.29
N VAL A 51 -17.72 7.75 -3.55
CA VAL A 51 -17.32 6.55 -4.29
C VAL A 51 -15.91 6.18 -3.88
N SER A 52 -15.73 4.95 -3.38
CA SER A 52 -14.40 4.36 -3.25
C SER A 52 -14.09 3.53 -4.49
N ARG A 53 -12.93 3.77 -5.08
CA ARG A 53 -12.56 3.14 -6.34
C ARG A 53 -11.19 2.50 -6.19
N VAL A 54 -11.05 1.28 -6.69
CA VAL A 54 -9.74 0.65 -6.84
C VAL A 54 -9.56 0.24 -8.29
N CYS A 55 -8.33 0.39 -8.79
CA CYS A 55 -7.99 -0.02 -10.15
C CYS A 55 -6.85 -1.02 -10.07
N LEU A 56 -7.00 -2.14 -10.76
CA LEU A 56 -5.99 -3.21 -10.75
C LEU A 56 -5.37 -3.33 -12.13
N TYR A 57 -4.04 -3.41 -12.16
CA TYR A 57 -3.29 -3.54 -13.41
C TYR A 57 -2.27 -4.67 -13.24
N PRO A 58 -2.71 -5.93 -13.37
CA PRO A 58 -1.76 -7.04 -13.30
C PRO A 58 -0.70 -6.92 -14.39
N GLY A 59 0.53 -7.29 -14.05
CA GLY A 59 1.60 -7.22 -15.03
C GLY A 59 1.87 -5.84 -15.58
N PHE A 60 1.53 -4.78 -14.84
CA PHE A 60 1.97 -3.43 -15.20
C PHE A 60 3.47 -3.40 -15.54
N VAL A 61 4.28 -4.11 -14.78
CA VAL A 61 5.69 -4.33 -15.11
C VAL A 61 5.84 -5.78 -15.52
N ASP A 62 6.38 -6.01 -16.71
CA ASP A 62 6.56 -7.39 -17.18
C ASP A 62 7.55 -8.12 -16.29
N VAL A 63 7.39 -9.45 -16.23
CA VAL A 63 8.04 -10.28 -15.21
C VAL A 63 9.55 -10.12 -15.26
N LYS A 64 10.13 -10.13 -16.46
CA LYS A 64 11.58 -10.09 -16.58
C LYS A 64 12.14 -8.75 -16.13
N GLU A 65 11.48 -7.66 -16.51
CA GLU A 65 11.91 -6.35 -16.02
C GLU A 65 11.69 -6.26 -14.51
N ALA A 66 10.59 -6.82 -14.02
CA ALA A 66 10.32 -6.85 -12.59
C ALA A 66 11.38 -7.63 -11.84
N ASP A 67 11.90 -8.71 -12.45
CA ASP A 67 12.99 -9.46 -11.82
C ASP A 67 14.21 -8.56 -11.61
N TRP A 68 14.55 -7.76 -12.63
CA TRP A 68 15.71 -6.89 -12.54
C TRP A 68 15.47 -5.78 -11.53
N ILE A 69 14.26 -5.21 -11.52
CA ILE A 69 13.95 -4.15 -10.57
C ILE A 69 14.06 -4.67 -9.14
N LEU A 70 13.52 -5.86 -8.88
CA LEU A 70 13.57 -6.41 -7.53
C LEU A 70 15.02 -6.55 -7.07
N GLU A 71 15.89 -7.09 -7.94
CA GLU A 71 17.31 -7.17 -7.66
C GLU A 71 17.87 -5.82 -7.24
N GLN A 72 17.66 -4.78 -8.08
CA GLN A 72 18.20 -3.45 -7.80
C GLN A 72 17.72 -2.91 -6.45
N LEU A 73 16.42 -2.97 -6.20
CA LEU A 73 15.89 -2.43 -4.95
C LEU A 73 16.40 -3.22 -3.74
N CYS A 74 16.52 -4.55 -3.88
CA CYS A 74 17.08 -5.33 -2.80
C CYS A 74 18.53 -4.94 -2.50
N GLN A 75 19.32 -4.61 -3.54
CA GLN A 75 20.71 -4.24 -3.26
C GLN A 75 20.86 -2.81 -2.76
N ASP A 76 20.01 -1.89 -3.21
CA ASP A 76 20.27 -0.45 -3.04
C ASP A 76 19.39 0.26 -2.04
N VAL A 77 18.14 -0.14 -1.83
CA VAL A 77 17.29 0.61 -0.90
C VAL A 77 17.85 0.48 0.51
N PRO A 78 18.03 1.58 1.27
CA PRO A 78 18.54 1.45 2.66
C PRO A 78 17.46 0.96 3.62
N TRP A 79 17.12 -0.33 3.49
CA TRP A 79 16.11 -0.94 4.34
C TRP A 79 16.54 -0.89 5.80
N LYS A 80 15.60 -0.57 6.68
CA LYS A 80 15.90 -0.50 8.09
C LYS A 80 14.69 -0.98 8.88
N GLN A 81 14.95 -1.52 10.07
CA GLN A 81 13.88 -1.83 11.00
C GLN A 81 13.48 -0.57 11.77
N ARG A 82 12.19 -0.26 11.77
CA ARG A 82 11.66 0.89 12.48
C ARG A 82 10.52 0.46 13.39
N THR A 83 10.12 1.35 14.29
CA THR A 83 8.98 1.14 15.15
C THR A 83 7.75 1.81 14.56
N GLY A 84 6.59 1.31 14.96
CA GLY A 84 5.32 1.92 14.65
C GLY A 84 4.59 2.27 15.94
N ILE A 85 3.43 2.91 15.79
CA ILE A 85 2.63 3.29 16.94
C ILE A 85 1.21 2.77 16.78
N ARG A 86 0.69 2.19 17.86
CA ARG A 86 -0.73 1.96 18.03
C ARG A 86 -1.05 2.29 19.48
N GLU A 87 -2.03 3.17 19.70
CA GLU A 87 -2.48 3.51 21.05
C GLU A 87 -1.36 4.10 21.90
N ASP A 88 -0.58 5.00 21.30
CA ASP A 88 0.54 5.68 21.98
C ASP A 88 1.52 4.70 22.62
N ILE A 89 1.60 3.47 22.11
CA ILE A 89 2.64 2.53 22.48
C ILE A 89 3.36 2.12 21.21
N THR A 90 4.67 1.82 21.33
CA THR A 90 5.50 1.54 20.17
C THR A 90 5.83 0.06 20.08
N TYR A 91 6.19 -0.37 18.86
CA TYR A 91 6.52 -1.76 18.59
C TYR A 91 7.33 -1.82 17.31
N GLN A 92 8.15 -2.86 17.18
CA GLN A 92 8.93 -3.05 15.94
C GLN A 92 8.02 -3.54 14.82
N GLN A 93 7.96 -2.78 13.74
CA GLN A 93 7.08 -3.11 12.62
C GLN A 93 7.50 -4.44 11.99
N PRO A 94 6.55 -5.33 11.65
CA PRO A 94 6.91 -6.59 10.96
C PRO A 94 7.11 -6.36 9.46
N ARG A 95 8.14 -5.58 9.15
CA ARG A 95 8.55 -5.26 7.78
C ARG A 95 9.71 -4.29 7.87
N LEU A 96 10.55 -4.25 6.85
CA LEU A 96 11.58 -3.24 6.75
C LEU A 96 11.09 -2.12 5.84
N THR A 97 11.53 -0.89 6.11
CA THR A 97 10.99 0.27 5.42
C THR A 97 12.12 1.22 5.03
N ALA A 98 11.82 2.03 4.01
CA ALA A 98 12.62 3.20 3.67
C ALA A 98 11.68 4.19 2.99
N TRP A 99 12.07 5.46 3.00
CA TRP A 99 11.21 6.52 2.47
C TRP A 99 11.96 7.35 1.43
N TYR A 100 11.23 7.83 0.44
CA TYR A 100 11.76 8.77 -0.53
C TYR A 100 10.78 9.92 -0.73
N GLY A 101 11.33 11.11 -0.96
CA GLY A 101 10.50 12.26 -1.27
C GLY A 101 9.91 12.90 -0.02
N GLU A 102 8.68 13.43 -0.16
CA GLU A 102 8.02 14.07 0.97
C GLU A 102 7.48 13.03 1.95
N LEU A 103 7.43 13.42 3.21
CA LEU A 103 7.00 12.60 4.33
C LEU A 103 5.74 13.19 4.95
N PRO A 104 4.76 12.36 5.29
CA PRO A 104 3.54 12.88 5.97
C PRO A 104 3.89 13.68 7.22
N TYR A 105 3.21 14.82 7.37
CA TYR A 105 3.60 15.86 8.34
C TYR A 105 3.74 15.33 9.76
N THR A 106 2.86 14.42 10.17
CA THR A 106 2.87 13.96 11.56
C THR A 106 3.92 12.90 11.84
N TYR A 107 4.56 12.33 10.82
CA TYR A 107 5.63 11.38 11.05
C TYR A 107 6.90 12.13 11.45
N SER A 108 7.82 11.38 12.04
CA SER A 108 9.09 11.91 12.48
C SER A 108 10.11 11.76 11.37
N ARG A 109 10.65 12.89 10.90
CA ARG A 109 11.71 12.87 9.90
C ARG A 109 12.95 12.15 10.42
N ILE A 110 13.26 12.32 11.71
CA ILE A 110 14.41 11.64 12.32
C ILE A 110 14.22 10.13 12.29
N THR A 111 13.01 9.68 12.62
CA THR A 111 12.77 8.23 12.64
C THR A 111 12.67 7.66 11.23
N MET A 112 11.97 8.34 10.31
CA MET A 112 11.69 7.77 8.99
C MET A 112 12.78 8.00 7.96
N GLU A 113 13.61 9.01 8.17
CA GLU A 113 14.77 9.30 7.32
C GLU A 113 14.43 9.34 5.83
N PRO A 114 13.45 10.16 5.42
CA PRO A 114 13.12 10.23 3.99
C PRO A 114 14.29 10.78 3.19
N ASN A 115 14.55 10.16 2.03
CA ASN A 115 15.59 10.69 1.16
C ASN A 115 14.95 11.58 0.11
N PRO A 116 15.25 12.88 0.09
CA PRO A 116 14.69 13.73 -0.97
C PRO A 116 15.21 13.41 -2.36
N HIS A 117 16.27 12.60 -2.49
CA HIS A 117 16.84 12.26 -3.79
C HIS A 117 16.39 10.85 -4.16
N TRP A 118 15.55 10.74 -5.18
CA TRP A 118 14.99 9.44 -5.54
C TRP A 118 16.03 8.55 -6.18
N HIS A 119 16.11 7.30 -5.74
CA HIS A 119 16.87 6.28 -6.48
C HIS A 119 16.43 6.31 -7.95
N PRO A 120 17.37 6.20 -8.90
CA PRO A 120 16.98 6.34 -10.31
C PRO A 120 15.95 5.33 -10.74
N VAL A 121 16.00 4.12 -10.18
CA VAL A 121 15.01 3.10 -10.53
C VAL A 121 13.63 3.49 -9.99
N LEU A 122 13.59 3.98 -8.76
CA LEU A 122 12.32 4.41 -8.18
C LEU A 122 11.77 5.63 -8.90
N ARG A 123 12.66 6.55 -9.31
CA ARG A 123 12.22 7.70 -10.09
C ARG A 123 11.61 7.28 -11.43
N THR A 124 12.22 6.30 -12.09
CA THR A 124 11.67 5.74 -13.33
C THR A 124 10.27 5.19 -13.12
N LEU A 125 10.09 4.39 -12.07
CA LEU A 125 8.79 3.79 -11.81
C LEU A 125 7.76 4.86 -11.46
N LYS A 126 8.16 5.88 -10.70
CA LYS A 126 7.30 7.03 -10.47
C LYS A 126 6.83 7.63 -11.79
N ASN A 127 7.78 7.93 -12.69
CA ASN A 127 7.44 8.53 -13.97
C ASN A 127 6.56 7.62 -14.80
N ARG A 128 6.77 6.30 -14.71
CA ARG A 128 6.00 5.38 -15.53
C ARG A 128 4.56 5.27 -15.02
N ILE A 129 4.38 5.24 -13.70
CA ILE A 129 3.03 5.30 -13.15
C ILE A 129 2.33 6.59 -13.58
N GLU A 130 3.02 7.73 -13.44
CA GLU A 130 2.39 9.00 -13.78
C GLU A 130 2.01 9.09 -15.25
N GLU A 131 2.92 8.69 -16.14
CA GLU A 131 2.63 8.76 -17.58
C GLU A 131 1.48 7.85 -17.99
N ASN A 132 1.31 6.71 -17.33
CA ASN A 132 0.31 5.74 -17.73
C ASN A 132 -1.03 5.94 -17.04
N THR A 133 -1.08 6.67 -15.92
CA THR A 133 -2.30 6.92 -15.19
C THR A 133 -2.72 8.38 -15.13
N GLY A 134 -1.82 9.32 -15.36
CA GLY A 134 -2.19 10.72 -15.26
C GLY A 134 -2.17 11.31 -13.86
N HIS A 135 -1.84 10.51 -12.84
CA HIS A 135 -1.71 11.00 -11.47
C HIS A 135 -0.26 11.35 -11.15
N THR A 136 -0.07 12.34 -10.30
CA THR A 136 1.26 12.70 -9.81
C THR A 136 1.43 12.24 -8.36
N PHE A 137 2.69 12.09 -7.94
CA PHE A 137 3.01 11.74 -6.56
C PHE A 137 4.29 12.47 -6.13
N ASN A 138 4.45 12.68 -4.83
CA ASN A 138 5.68 13.31 -4.32
C ASN A 138 6.28 12.57 -3.13
N SER A 139 5.78 11.37 -2.83
CA SER A 139 6.15 10.63 -1.63
C SER A 139 6.16 9.15 -1.97
N LEU A 140 7.15 8.43 -1.46
CA LEU A 140 7.23 6.99 -1.68
C LEU A 140 7.65 6.29 -0.39
N LEU A 141 6.87 5.31 0.03
CA LEU A 141 7.23 4.41 1.13
C LEU A 141 7.57 3.05 0.55
N CYS A 142 8.77 2.55 0.84
CA CYS A 142 9.19 1.22 0.42
C CYS A 142 9.01 0.26 1.61
N ASN A 143 8.36 -0.87 1.37
CA ASN A 143 8.11 -1.93 2.36
C ASN A 143 8.76 -3.22 1.88
N LEU A 144 9.61 -3.79 2.71
CA LEU A 144 10.18 -5.11 2.45
C LEU A 144 9.52 -6.08 3.42
N TYR A 145 8.76 -7.02 2.88
CA TYR A 145 8.16 -8.08 3.70
C TYR A 145 9.12 -9.24 3.55
N ARG A 146 9.95 -9.46 4.59
CA ARG A 146 11.07 -10.38 4.47
C ARG A 146 10.60 -11.79 4.16
N ASN A 147 9.45 -12.19 4.70
CA ASN A 147 8.94 -13.56 4.59
C ASN A 147 7.49 -13.57 5.09
N GLU A 148 6.94 -14.77 5.29
CA GLU A 148 5.51 -14.93 5.53
C GLU A 148 5.08 -14.35 6.87
N LYS A 149 6.00 -14.07 7.78
CA LYS A 149 5.63 -13.50 9.06
C LYS A 149 5.69 -11.98 9.10
N ASP A 150 6.29 -11.35 8.09
CA ASP A 150 6.13 -9.91 7.92
C ASP A 150 4.74 -9.60 7.39
N SER A 151 4.25 -8.40 7.71
CA SER A 151 2.86 -8.07 7.42
C SER A 151 2.63 -6.59 7.67
N VAL A 152 1.41 -6.13 7.37
CA VAL A 152 0.94 -4.86 7.93
C VAL A 152 -0.51 -5.03 8.36
N ASP A 153 -0.85 -4.49 9.52
CA ASP A 153 -2.15 -4.69 10.15
C ASP A 153 -3.19 -3.72 9.56
N TRP A 154 -4.45 -3.95 9.93
CA TRP A 154 -5.57 -3.17 9.38
C TRP A 154 -5.37 -1.68 9.62
N HIS A 155 -5.55 -0.88 8.58
CA HIS A 155 -5.40 0.57 8.69
C HIS A 155 -6.00 1.21 7.45
N SER A 156 -6.12 2.54 7.51
CA SER A 156 -6.42 3.39 6.37
C SER A 156 -5.29 4.40 6.18
N ASP A 157 -5.04 4.77 4.93
CA ASP A 157 -4.03 5.80 4.65
C ASP A 157 -4.69 7.17 4.82
N ASP A 158 -4.91 7.52 6.09
CA ASP A 158 -5.68 8.72 6.42
C ASP A 158 -4.85 9.73 7.23
N GLU A 159 -3.53 9.72 7.06
CA GLU A 159 -2.73 10.77 7.67
C GLU A 159 -3.22 12.14 7.21
N PRO A 160 -3.30 13.12 8.11
CA PRO A 160 -3.93 14.41 7.75
C PRO A 160 -3.40 15.05 6.46
N SER A 161 -2.09 15.03 6.22
CA SER A 161 -1.56 15.74 5.07
C SER A 161 -1.78 15.00 3.74
N LEU A 162 -2.42 13.83 3.75
CA LEU A 162 -2.85 13.22 2.49
C LEU A 162 -4.17 13.80 2.00
N GLY A 163 -4.92 14.46 2.90
CA GLY A 163 -6.17 15.09 2.54
C GLY A 163 -7.33 14.11 2.47
N ARG A 164 -8.50 14.66 2.16
CA ARG A 164 -9.64 13.81 1.87
C ARG A 164 -9.42 13.11 0.55
N CYS A 165 -9.80 11.84 0.49
CA CYS A 165 -9.77 11.06 -0.74
C CYS A 165 -8.41 11.09 -1.46
N PRO A 166 -7.36 10.58 -0.82
CA PRO A 166 -6.05 10.57 -1.48
C PRO A 166 -5.99 9.52 -2.58
N ILE A 167 -5.21 9.82 -3.61
CA ILE A 167 -4.89 8.85 -4.65
C ILE A 167 -3.58 8.16 -4.27
N ILE A 168 -3.62 6.84 -4.15
CA ILE A 168 -2.49 6.07 -3.66
C ILE A 168 -2.21 4.94 -4.65
N ALA A 169 -0.98 4.87 -5.12
CA ALA A 169 -0.55 3.88 -6.11
C ALA A 169 0.38 2.87 -5.43
N SER A 170 0.16 1.59 -5.73
CA SER A 170 0.86 0.49 -5.07
C SER A 170 1.46 -0.42 -6.12
N LEU A 171 2.78 -0.61 -6.06
CA LEU A 171 3.49 -1.44 -7.01
C LEU A 171 4.23 -2.55 -6.26
N SER A 172 4.04 -3.80 -6.71
CA SER A 172 4.54 -4.97 -5.99
C SER A 172 5.58 -5.73 -6.80
N PHE A 173 6.57 -6.25 -6.09
CA PHE A 173 7.62 -7.08 -6.67
C PHE A 173 7.91 -8.25 -5.76
N GLY A 174 8.21 -9.39 -6.34
CA GLY A 174 8.59 -10.55 -5.56
C GLY A 174 7.41 -11.44 -5.25
N ALA A 175 7.39 -12.00 -4.04
CA ALA A 175 6.39 -13.01 -3.69
C ALA A 175 4.99 -12.42 -3.74
N THR A 176 4.05 -13.23 -4.19
CA THR A 176 2.64 -12.86 -4.10
C THR A 176 2.22 -12.81 -2.64
N ARG A 177 1.53 -11.74 -2.26
CA ARG A 177 0.86 -11.67 -0.97
C ARG A 177 -0.53 -11.11 -1.20
N THR A 178 -1.40 -11.26 -0.20
CA THR A 178 -2.80 -10.85 -0.31
C THR A 178 -2.96 -9.45 0.30
N PHE A 179 -3.67 -8.59 -0.43
CA PHE A 179 -4.08 -7.27 0.03
C PHE A 179 -5.56 -7.38 0.41
N GLU A 180 -5.87 -7.37 1.71
CA GLU A 180 -7.25 -7.51 2.16
C GLU A 180 -7.82 -6.15 2.48
N MET A 181 -9.14 -6.00 2.25
CA MET A 181 -9.86 -4.78 2.56
C MET A 181 -11.12 -5.13 3.32
N ARG A 182 -11.52 -4.25 4.23
CA ARG A 182 -12.78 -4.43 4.96
C ARG A 182 -13.42 -3.06 5.12
N LYS A 183 -14.74 -3.02 4.94
CA LYS A 183 -15.47 -1.76 5.01
C LYS A 183 -15.65 -1.32 6.46
N LYS A 184 -15.42 -0.04 6.73
CA LYS A 184 -15.56 0.47 8.09
C LYS A 184 -17.03 0.41 8.50
N PRO A 185 -17.35 -0.21 9.64
CA PRO A 185 -18.75 -0.40 9.99
C PRO A 185 -19.40 0.91 10.38
N PRO A 186 -20.69 1.07 10.14
CA PRO A 186 -21.40 2.25 10.63
C PRO A 186 -21.55 2.18 12.14
N PRO A 187 -21.90 3.29 12.78
CA PRO A 187 -22.03 3.28 14.25
C PRO A 187 -23.00 2.23 14.78
N GLU A 188 -24.12 2.00 14.08
CA GLU A 188 -25.09 1.02 14.56
C GLU A 188 -24.52 -0.39 14.61
N GLU A 189 -23.36 -0.61 13.98
CA GLU A 189 -22.68 -1.90 14.00
C GLU A 189 -21.82 -2.10 15.25
N ASN A 190 -21.74 -1.12 16.14
CA ASN A 190 -21.12 -1.28 17.44
C ASN A 190 -19.65 -1.70 17.34
N GLY A 191 -18.96 -1.26 16.30
CA GLY A 191 -17.55 -1.61 16.17
C GLY A 191 -17.28 -3.04 15.80
N ASP A 192 -18.29 -3.77 15.33
CA ASP A 192 -18.13 -5.15 14.90
C ASP A 192 -17.80 -5.18 13.41
N TYR A 193 -16.70 -5.86 13.06
CA TYR A 193 -16.26 -6.03 11.68
C TYR A 193 -16.68 -7.39 11.12
N THR A 194 -17.44 -8.17 11.88
CA THR A 194 -17.77 -9.52 11.45
C THR A 194 -18.53 -9.52 10.13
N TYR A 195 -19.48 -8.61 9.98
CA TYR A 195 -20.42 -8.67 8.86
C TYR A 195 -20.19 -7.58 7.82
N VAL A 196 -19.07 -6.84 7.91
CA VAL A 196 -18.82 -5.80 6.91
C VAL A 196 -18.41 -6.44 5.59
N GLU A 197 -18.55 -5.66 4.52
CA GLU A 197 -18.09 -6.09 3.21
C GLU A 197 -16.57 -6.23 3.22
N ARG A 198 -16.07 -7.22 2.49
CA ARG A 198 -14.63 -7.44 2.41
C ARG A 198 -14.22 -7.68 0.97
N VAL A 199 -13.00 -7.24 0.64
CA VAL A 199 -12.40 -7.52 -0.66
C VAL A 199 -11.06 -8.20 -0.42
N LYS A 200 -10.72 -9.17 -1.27
CA LYS A 200 -9.37 -9.73 -1.29
C LYS A 200 -8.73 -9.49 -2.65
N ILE A 201 -7.48 -9.06 -2.65
CA ILE A 201 -6.74 -8.80 -3.89
C ILE A 201 -5.36 -9.45 -3.83
N PRO A 202 -5.09 -10.45 -4.65
CA PRO A 202 -3.73 -10.97 -4.78
C PRO A 202 -2.84 -9.98 -5.53
N LEU A 203 -1.71 -9.64 -4.94
CA LEU A 203 -0.75 -8.72 -5.53
C LEU A 203 0.48 -9.52 -5.92
N ASP A 204 0.64 -9.79 -7.21
CA ASP A 204 1.80 -10.56 -7.65
C ASP A 204 2.85 -9.67 -8.29
N HIS A 205 3.98 -10.29 -8.61
CA HIS A 205 5.15 -9.69 -9.26
C HIS A 205 4.75 -8.75 -10.39
N GLY A 206 4.95 -7.45 -10.18
CA GLY A 206 4.77 -6.46 -11.22
C GLY A 206 3.40 -5.84 -11.29
N THR A 207 2.53 -6.09 -10.32
CA THR A 207 1.16 -5.61 -10.37
C THR A 207 1.03 -4.21 -9.78
N LEU A 208 0.33 -3.34 -10.49
CA LEU A 208 0.01 -2.00 -9.98
C LEU A 208 -1.43 -1.97 -9.50
N LEU A 209 -1.63 -1.38 -8.33
CA LEU A 209 -2.93 -1.18 -7.72
C LEU A 209 -3.08 0.29 -7.35
N ILE A 210 -4.20 0.90 -7.74
CA ILE A 210 -4.53 2.28 -7.39
C ILE A 210 -5.72 2.26 -6.46
N MET A 211 -5.64 3.00 -5.35
CA MET A 211 -6.80 3.33 -4.54
C MET A 211 -7.07 4.83 -4.64
N GLU A 212 -8.34 5.21 -4.73
CA GLU A 212 -8.70 6.61 -4.85
C GLU A 212 -10.14 6.81 -4.36
N GLY A 213 -10.58 8.07 -4.38
CA GLY A 213 -11.91 8.37 -3.90
C GLY A 213 -11.98 8.20 -2.39
N ALA A 214 -13.15 7.77 -1.92
CA ALA A 214 -13.39 7.63 -0.49
C ALA A 214 -12.75 6.37 0.13
N THR A 215 -11.75 5.75 -0.50
CA THR A 215 -11.32 4.42 -0.05
C THR A 215 -10.67 4.49 1.33
N GLN A 216 -9.78 5.45 1.57
CA GLN A 216 -9.19 5.59 2.90
C GLN A 216 -10.23 6.01 3.93
N ALA A 217 -11.26 6.75 3.50
CA ALA A 217 -12.30 7.20 4.43
C ALA A 217 -13.20 6.05 4.87
N ASP A 218 -13.56 5.16 3.96
CA ASP A 218 -14.62 4.20 4.21
C ASP A 218 -14.12 2.77 4.35
N TRP A 219 -12.83 2.52 4.14
CA TRP A 219 -12.27 1.18 4.16
C TRP A 219 -10.96 1.16 4.93
N GLN A 220 -10.63 -0.03 5.44
CA GLN A 220 -9.30 -0.34 5.95
C GLN A 220 -8.74 -1.48 5.11
N HIS A 221 -7.43 -1.66 5.21
CA HIS A 221 -6.76 -2.66 4.41
C HIS A 221 -5.51 -3.11 5.15
N ARG A 222 -5.04 -4.29 4.79
CA ARG A 222 -3.90 -4.93 5.46
C ARG A 222 -3.33 -5.97 4.51
N VAL A 223 -2.13 -6.43 4.85
CA VAL A 223 -1.50 -7.58 4.22
C VAL A 223 -1.25 -8.58 5.35
N PRO A 224 -1.98 -9.68 5.41
CA PRO A 224 -1.86 -10.57 6.56
C PRO A 224 -0.63 -11.45 6.48
N LYS A 225 -0.17 -11.88 7.66
CA LYS A 225 0.83 -12.95 7.73
C LYS A 225 0.29 -14.21 7.08
N GLU A 226 1.18 -15.07 6.60
CA GLU A 226 0.81 -16.34 6.01
C GLU A 226 1.40 -17.47 6.83
N TYR A 227 0.74 -18.63 6.80
CA TYR A 227 1.20 -19.82 7.49
C TYR A 227 1.91 -20.79 6.56
N HIS A 228 2.40 -20.29 5.43
CA HIS A 228 3.13 -21.08 4.46
C HIS A 228 4.30 -20.24 3.98
N SER A 229 5.41 -20.92 3.70
CA SER A 229 6.66 -20.24 3.31
C SER A 229 6.42 -19.21 2.22
N ARG A 230 6.96 -18.01 2.41
CA ARG A 230 6.92 -16.96 1.40
C ARG A 230 8.31 -16.38 1.23
N GLU A 231 8.71 -16.19 -0.02
CA GLU A 231 9.94 -15.48 -0.35
C GLU A 231 9.72 -13.97 -0.14
N PRO A 232 10.77 -13.15 -0.26
CA PRO A 232 10.59 -11.70 -0.05
C PRO A 232 9.66 -11.03 -1.05
N ARG A 233 8.99 -9.98 -0.55
CA ARG A 233 8.15 -9.11 -1.35
C ARG A 233 8.50 -7.65 -1.07
N VAL A 234 8.64 -6.86 -2.11
CA VAL A 234 8.88 -5.41 -2.02
C VAL A 234 7.61 -4.71 -2.48
N ASN A 235 7.09 -3.80 -1.67
CA ASN A 235 5.96 -3.00 -2.08
C ASN A 235 6.34 -1.52 -2.12
N LEU A 236 5.96 -0.84 -3.20
CA LEU A 236 6.18 0.59 -3.33
C LEU A 236 4.84 1.29 -3.26
N THR A 237 4.67 2.14 -2.27
CA THR A 237 3.43 2.88 -2.10
C THR A 237 3.72 4.36 -2.33
N PHE A 238 3.22 4.86 -3.48
CA PHE A 238 3.40 6.25 -3.90
C PHE A 238 2.20 7.06 -3.43
N ARG A 239 2.47 8.26 -2.88
CA ARG A 239 1.39 9.11 -2.39
C ARG A 239 1.71 10.57 -2.72
N THR A 240 0.74 11.44 -2.43
CA THR A 240 0.92 12.89 -2.49
C THR A 240 0.75 13.46 -1.09
N VAL A 241 1.83 14.01 -0.56
CA VAL A 241 1.79 14.73 0.70
C VAL A 241 1.59 16.20 0.40
N TYR A 242 0.64 16.82 1.07
CA TYR A 242 0.40 18.25 0.99
C TYR A 242 1.11 18.96 2.13
N PRO A 243 1.41 20.26 1.98
CA PRO A 243 2.19 20.96 3.01
C PRO A 243 1.51 20.98 4.38
#